data_6Y20
#
_entry.id   6Y20
#
_cell.length_a   48.23
_cell.length_b   62.039
_cell.length_c   156.887
_cell.angle_alpha   90
_cell.angle_beta   90
_cell.angle_gamma   90
#
_symmetry.space_group_name_H-M   'P 21 21 21'
#
loop_
_entity.id
_entity.type
_entity.pdbx_description
1 polymer 'Protein scalloped'
2 polymer 'Protein scalloped'
3 polymer 'Protein vestigial'
4 non-polymer 'MYRISTIC ACID'
5 water water
#
loop_
_entity_poly.entity_id
_entity_poly.type
_entity_poly.pdbx_seq_one_letter_code
_entity_poly.pdbx_strand_id
1 'polypeptide(L)'
;GRAIATHKFRLLEFTAFMEIQRDEIYHRHLFVQLGGKPSFSDPLLETVDIRQIFDKFPEKSGGLKDLYEKGPQNAFYLVK
CWADLNTDLTTGSETGDFYGVTSQYESNENVVLVCSTIVCSFGKQVVE(MYK)VESEYSRLENNRYVYRIQRSPMCEYMI
NFIQKLKNLPERYMMNSVLENFTILQVMRARETQETLLCIAYVFEVAAQNSGTTHHIYRLIKE
;
A
2 'polypeptide(L)'
;GRAIATHKFRLLEFTAFMEIQRDEIYHRHLFVQLGGKPSFSDPLLETVDIRQIFDKFPEKSGGLKDLYEKGPQNAFYLVK
CWADLNTDLTTGSETGDFYGVTSQYESNENVVLVCSTIVCSFGKQVVEKVESEYSRLENNRYVYRIQRSPMCEYMINFIQ
KLKNLPERYMMNSVLENFTILQVMRARETQETLLCIAYVFEVAAQNSGTTHHIYRLIKE
;
B
3 'polypeptide(L)' (ACE)TASQVDEHFSRALNYNNKDSKESSSPMSNRNFPPSFWNSN(NH2) C,D
#
# COMPACT_ATOMS: atom_id res chain seq x y z
N GLY A 1 -6.02 12.43 -28.31
CA GLY A 1 -6.44 12.31 -26.92
C GLY A 1 -7.93 12.11 -26.75
N ARG A 2 -8.36 10.85 -26.56
CA ARG A 2 -9.78 10.51 -26.38
C ARG A 2 -10.03 9.41 -25.34
N ALA A 3 -8.96 8.79 -24.82
CA ALA A 3 -9.11 7.66 -23.90
C ALA A 3 -7.94 7.59 -22.92
N ILE A 4 -8.09 6.78 -21.84
CA ILE A 4 -7.04 6.59 -20.87
C ILE A 4 -6.08 5.63 -21.53
N ALA A 5 -5.11 6.19 -22.25
CA ALA A 5 -4.17 5.42 -23.02
C ALA A 5 -2.99 6.28 -23.42
N THR A 6 -1.85 5.64 -23.63
CA THR A 6 -0.71 6.29 -24.29
C THR A 6 -0.66 5.66 -25.73
N HIS A 7 0.38 5.95 -26.51
CA HIS A 7 0.58 5.30 -27.80
C HIS A 7 0.88 3.79 -27.60
N LYS A 8 1.18 3.32 -26.36
CA LYS A 8 1.58 1.93 -26.19
C LYS A 8 0.95 1.20 -25.03
N PHE A 9 -0.06 1.76 -24.37
CA PHE A 9 -0.66 1.09 -23.22
C PHE A 9 -2.02 1.67 -23.01
N ARG A 10 -3.03 0.82 -22.81
N ARG A 10 -3.05 0.82 -22.85
CA ARG A 10 -4.36 1.35 -22.59
CA ARG A 10 -4.40 1.33 -22.68
C ARG A 10 -5.14 0.62 -21.54
C ARG A 10 -5.18 0.60 -21.60
N LEU A 11 -6.11 1.32 -20.97
CA LEU A 11 -7.00 0.75 -19.99
C LEU A 11 -8.12 0.13 -20.86
N LEU A 12 -8.43 -1.13 -20.66
CA LEU A 12 -9.51 -1.82 -21.36
C LEU A 12 -10.77 -1.88 -20.50
N GLU A 13 -10.61 -2.04 -19.18
CA GLU A 13 -11.74 -2.07 -18.27
C GLU A 13 -11.32 -1.78 -16.85
N PHE A 14 -12.19 -1.11 -16.12
CA PHE A 14 -12.09 -0.93 -14.69
C PHE A 14 -13.51 -0.98 -14.17
N THR A 15 -13.88 -2.02 -13.42
CA THR A 15 -15.24 -2.15 -12.90
C THR A 15 -15.22 -2.46 -11.44
N ALA A 16 -15.89 -1.65 -10.62
CA ALA A 16 -16.03 -1.87 -9.19
C ALA A 16 -17.47 -2.34 -8.99
N PHE A 17 -17.65 -3.45 -8.27
CA PHE A 17 -18.98 -4.02 -8.14
C PHE A 17 -19.25 -4.76 -6.85
N MET A 18 -20.52 -5.13 -6.64
CA MET A 18 -20.89 -6.02 -5.56
C MET A 18 -21.88 -7.06 -6.09
N GLU A 19 -21.67 -8.31 -5.71
CA GLU A 19 -22.53 -9.42 -6.12
C GLU A 19 -23.42 -9.75 -4.97
N ILE A 20 -24.70 -9.91 -5.29
CA ILE A 20 -25.74 -10.13 -4.31
C ILE A 20 -26.59 -11.34 -4.69
N GLN A 21 -26.73 -12.27 -3.75
CA GLN A 21 -27.55 -13.46 -3.91
C GLN A 21 -28.76 -13.29 -3.00
N ARG A 22 -29.94 -13.44 -3.54
CA ARG A 22 -31.17 -13.31 -2.79
C ARG A 22 -32.20 -14.20 -3.46
N ASP A 23 -32.86 -15.06 -2.68
CA ASP A 23 -33.86 -15.99 -3.20
C ASP A 23 -33.25 -16.89 -4.29
N GLU A 24 -31.98 -17.32 -4.07
CA GLU A 24 -31.20 -18.15 -5.00
C GLU A 24 -31.00 -17.48 -6.36
N ILE A 25 -31.01 -16.14 -6.39
CA ILE A 25 -30.81 -15.38 -7.62
C ILE A 25 -29.67 -14.42 -7.41
N TYR A 26 -28.69 -14.48 -8.30
CA TYR A 26 -27.51 -13.64 -8.28
C TYR A 26 -27.72 -12.41 -9.16
N HIS A 27 -27.23 -11.24 -8.73
CA HIS A 27 -27.21 -10.02 -9.54
C HIS A 27 -25.99 -9.20 -9.14
N ARG A 28 -25.42 -8.47 -10.09
CA ARG A 28 -24.25 -7.68 -9.88
C ARG A 28 -24.55 -6.19 -10.02
N HIS A 29 -24.35 -5.45 -8.92
CA HIS A 29 -24.54 -4.01 -8.87
C HIS A 29 -23.23 -3.33 -9.23
N LEU A 30 -23.23 -2.48 -10.25
CA LEU A 30 -22.00 -1.76 -10.64
C LEU A 30 -21.87 -0.41 -9.95
N PHE A 31 -20.88 -0.28 -9.07
CA PHE A 31 -20.58 0.98 -8.39
C PHE A 31 -19.94 1.96 -9.33
N VAL A 32 -18.96 1.51 -10.13
CA VAL A 32 -18.18 2.35 -11.07
C VAL A 32 -17.82 1.49 -12.26
N GLN A 33 -17.83 2.04 -13.49
CA GLN A 33 -17.40 1.28 -14.65
C GLN A 33 -16.75 2.12 -15.74
N LEU A 34 -15.50 1.81 -16.05
CA LEU A 34 -14.80 2.47 -17.15
C LEU A 34 -14.52 1.41 -18.19
N GLY A 35 -14.94 1.66 -19.41
CA GLY A 35 -14.64 0.80 -20.54
C GLY A 35 -13.40 1.34 -21.24
N GLY A 36 -12.97 0.66 -22.28
CA GLY A 36 -11.79 1.07 -23.03
C GLY A 36 -11.90 0.80 -24.50
N LYS A 37 -13.13 0.64 -25.04
CA LYS A 37 -13.35 0.37 -26.46
C LYS A 37 -12.97 1.58 -27.32
N PRO A 38 -12.04 1.43 -28.28
CA PRO A 38 -11.46 2.63 -28.92
C PRO A 38 -12.10 2.89 -30.29
N SER A 39 -12.78 4.04 -30.45
CA SER A 39 -13.44 4.34 -31.73
C SER A 39 -13.67 5.84 -31.97
N PHE A 40 -14.07 6.20 -33.21
CA PHE A 40 -14.36 7.59 -33.63
C PHE A 40 -15.54 8.23 -32.85
N SER A 41 -16.33 7.41 -32.14
CA SER A 41 -17.47 7.85 -31.34
C SER A 41 -17.04 8.24 -29.91
N ASP A 42 -15.78 8.67 -29.73
CA ASP A 42 -15.29 9.08 -28.41
C ASP A 42 -14.92 10.57 -28.41
N PRO A 43 -15.60 11.41 -27.60
CA PRO A 43 -15.27 12.85 -27.57
C PRO A 43 -13.85 13.15 -27.09
N LEU A 44 -13.31 14.31 -27.49
CA LEU A 44 -11.95 14.67 -27.06
C LEU A 44 -11.94 15.02 -25.57
N LEU A 45 -10.84 14.69 -24.89
CA LEU A 45 -10.78 14.87 -23.43
C LEU A 45 -10.58 16.28 -22.95
N GLU A 46 -11.33 16.68 -21.91
CA GLU A 46 -11.11 17.98 -21.29
C GLU A 46 -9.87 17.85 -20.39
N THR A 47 -9.29 18.98 -19.98
CA THR A 47 -8.12 18.98 -19.12
C THR A 47 -8.45 19.56 -17.75
N VAL A 48 -7.71 19.11 -16.73
CA VAL A 48 -7.80 19.58 -15.35
C VAL A 48 -6.37 19.92 -14.89
N ASP A 49 -6.22 21.02 -14.16
CA ASP A 49 -4.93 21.43 -13.62
C ASP A 49 -4.61 20.49 -12.43
N ILE A 50 -3.54 19.70 -12.53
CA ILE A 50 -3.15 18.78 -11.48
C ILE A 50 -2.78 19.46 -10.15
N ARG A 51 -2.45 20.76 -10.18
CA ARG A 51 -2.10 21.48 -8.95
C ARG A 51 -3.31 21.64 -8.00
N GLN A 52 -4.55 21.49 -8.55
CA GLN A 52 -5.80 21.54 -7.80
C GLN A 52 -6.08 20.26 -7.01
N ILE A 53 -5.42 19.12 -7.35
CA ILE A 53 -5.72 17.88 -6.65
C ILE A 53 -4.54 17.33 -5.84
N PHE A 54 -3.40 18.02 -5.77
CA PHE A 54 -2.22 17.52 -5.03
C PHE A 54 -2.48 17.16 -3.57
N ASP A 55 -3.24 18.00 -2.83
CA ASP A 55 -3.51 17.70 -1.42
C ASP A 55 -4.46 16.48 -1.18
N LYS A 56 -5.08 15.90 -2.24
CA LYS A 56 -5.98 14.73 -2.14
C LYS A 56 -5.26 13.40 -2.42
N PHE A 57 -3.99 13.45 -2.70
CA PHE A 57 -3.19 12.30 -3.06
C PHE A 57 -1.88 12.37 -2.28
N PRO A 58 -1.16 11.24 -2.20
CA PRO A 58 0.13 11.24 -1.48
C PRO A 58 1.11 12.23 -2.08
N GLU A 59 1.86 12.87 -1.21
CA GLU A 59 2.84 13.89 -1.57
C GLU A 59 4.25 13.41 -1.20
N LYS A 60 5.25 14.31 -1.23
CA LYS A 60 6.63 13.96 -0.94
C LYS A 60 7.18 12.99 -2.03
N SER A 61 8.28 12.28 -1.76
N SER A 61 8.30 12.29 -1.78
CA SER A 61 8.89 11.35 -2.71
CA SER A 61 8.89 11.39 -2.77
C SER A 61 7.94 10.24 -3.16
C SER A 61 7.93 10.27 -3.17
N GLY A 62 7.77 10.08 -4.46
CA GLY A 62 6.88 9.06 -5.00
C GLY A 62 5.41 9.44 -5.07
N GLY A 63 5.07 10.63 -4.59
CA GLY A 63 3.70 11.12 -4.63
C GLY A 63 3.29 11.54 -6.04
N LEU A 64 2.10 12.10 -6.16
CA LEU A 64 1.56 12.49 -7.45
C LEU A 64 2.39 13.54 -8.18
N LYS A 65 2.77 14.65 -7.52
CA LYS A 65 3.58 15.68 -8.17
C LYS A 65 4.89 15.11 -8.72
N ASP A 66 5.59 14.27 -7.92
CA ASP A 66 6.84 13.62 -8.30
C ASP A 66 6.65 12.67 -9.46
N LEU A 67 5.60 11.84 -9.42
CA LEU A 67 5.33 10.90 -10.52
C LEU A 67 4.98 11.69 -11.80
N TYR A 68 4.19 12.75 -11.68
CA TYR A 68 3.80 13.56 -12.85
C TYR A 68 5.03 14.25 -13.47
N GLU A 69 5.90 14.82 -12.63
CA GLU A 69 7.10 15.50 -13.10
C GLU A 69 8.13 14.52 -13.70
N LYS A 70 8.18 13.29 -13.16
CA LYS A 70 9.02 12.25 -13.75
C LYS A 70 8.43 11.87 -15.14
N GLY A 71 7.11 11.86 -15.25
CA GLY A 71 6.43 11.61 -16.52
C GLY A 71 6.43 10.16 -16.99
N PRO A 72 6.03 9.89 -18.25
CA PRO A 72 5.54 10.83 -19.28
C PRO A 72 4.25 11.50 -18.82
N GLN A 73 4.13 12.82 -19.02
CA GLN A 73 2.96 13.54 -18.55
C GLN A 73 1.69 13.12 -19.27
N ASN A 74 1.78 12.60 -20.51
CA ASN A 74 0.59 12.16 -21.25
C ASN A 74 -0.01 10.83 -20.74
N ALA A 75 0.63 10.19 -19.75
CA ALA A 75 0.13 8.97 -19.13
C ALA A 75 -0.79 9.26 -17.92
N PHE A 76 -1.02 10.55 -17.60
CA PHE A 76 -1.74 10.96 -16.41
C PHE A 76 -3.16 11.41 -16.65
N TYR A 77 -4.09 10.80 -15.91
CA TYR A 77 -5.50 11.07 -16.04
C TYR A 77 -6.22 11.23 -14.74
N LEU A 78 -7.25 12.04 -14.76
CA LEU A 78 -8.09 12.23 -13.58
C LEU A 78 -9.46 11.73 -13.95
N VAL A 79 -10.03 10.82 -13.16
CA VAL A 79 -11.39 10.38 -13.41
C VAL A 79 -12.31 10.87 -12.29
N LYS A 80 -13.39 11.60 -12.63
CA LYS A 80 -14.39 12.06 -11.67
C LYS A 80 -15.56 11.09 -11.79
N CYS A 81 -15.79 10.29 -10.74
N CYS A 81 -15.80 10.33 -10.73
CA CYS A 81 -16.84 9.27 -10.73
CA CYS A 81 -16.84 9.32 -10.77
C CYS A 81 -18.03 9.67 -9.90
C CYS A 81 -18.01 9.57 -9.84
N TRP A 82 -19.23 9.27 -10.35
CA TRP A 82 -20.46 9.35 -9.60
C TRP A 82 -20.74 7.90 -9.29
N ALA A 83 -20.31 7.45 -8.10
CA ALA A 83 -20.45 6.07 -7.69
C ALA A 83 -21.89 5.75 -7.44
N ASP A 84 -22.35 4.62 -7.98
CA ASP A 84 -23.74 4.23 -7.80
C ASP A 84 -23.85 3.50 -6.50
N LEU A 85 -24.49 4.12 -5.52
CA LEU A 85 -24.68 3.47 -4.23
C LEU A 85 -26.15 3.09 -3.98
N ASN A 86 -26.98 3.05 -5.03
CA ASN A 86 -28.40 2.70 -4.97
C ASN A 86 -28.55 1.18 -4.96
N THR A 87 -28.09 0.55 -3.86
CA THR A 87 -28.18 -0.91 -3.68
C THR A 87 -28.43 -1.25 -2.21
N ASP A 88 -29.29 -2.27 -1.93
CA ASP A 88 -29.59 -2.75 -0.57
C ASP A 88 -28.36 -3.51 -0.01
N LEU A 89 -27.70 -2.92 1.00
CA LEU A 89 -26.47 -3.46 1.59
C LEU A 89 -25.29 -3.35 0.62
N GLY A 96 -22.58 -12.20 3.25
CA GLY A 96 -23.07 -12.93 2.08
C GLY A 96 -22.78 -12.26 0.75
N ASP A 97 -22.53 -10.93 0.76
CA ASP A 97 -22.25 -10.20 -0.46
C ASP A 97 -20.76 -10.20 -0.77
N PHE A 98 -20.42 -10.16 -2.07
CA PHE A 98 -19.04 -10.15 -2.52
C PHE A 98 -18.75 -8.77 -3.10
N TYR A 99 -17.69 -8.12 -2.67
CA TYR A 99 -17.32 -6.82 -3.22
C TYR A 99 -16.05 -7.08 -4.04
N GLY A 100 -16.09 -6.79 -5.33
CA GLY A 100 -14.95 -7.06 -6.19
C GLY A 100 -14.59 -5.99 -7.20
N VAL A 101 -13.46 -6.18 -7.86
CA VAL A 101 -13.00 -5.25 -8.89
C VAL A 101 -12.51 -6.06 -10.06
N THR A 102 -12.77 -5.62 -11.31
CA THR A 102 -12.20 -6.28 -12.48
C THR A 102 -11.40 -5.26 -13.27
N SER A 103 -10.15 -5.58 -13.57
CA SER A 103 -9.29 -4.69 -14.33
C SER A 103 -8.79 -5.38 -15.57
N GLN A 104 -8.65 -4.63 -16.66
CA GLN A 104 -8.13 -5.18 -17.90
C GLN A 104 -7.31 -4.11 -18.62
N TYR A 105 -6.13 -4.50 -19.14
CA TYR A 105 -5.22 -3.59 -19.84
C TYR A 105 -4.67 -4.20 -21.11
N GLU A 106 -4.18 -3.36 -22.02
CA GLU A 106 -3.58 -3.82 -23.25
C GLU A 106 -2.24 -3.09 -23.43
N SER A 107 -1.21 -3.84 -23.77
CA SER A 107 0.13 -3.28 -23.90
C SER A 107 0.70 -3.61 -25.27
N ASN A 108 1.39 -2.66 -25.89
CA ASN A 108 2.06 -2.91 -27.17
C ASN A 108 3.28 -3.82 -26.93
N GLU A 109 3.99 -3.63 -25.82
CA GLU A 109 5.13 -4.47 -25.48
C GLU A 109 4.76 -5.52 -24.43
N ASN A 110 5.50 -6.63 -24.41
CA ASN A 110 5.28 -7.70 -23.47
C ASN A 110 5.99 -7.39 -22.14
N VAL A 111 5.41 -6.51 -21.36
CA VAL A 111 5.97 -6.13 -20.07
C VAL A 111 5.44 -7.02 -18.95
N VAL A 112 6.09 -6.97 -17.80
CA VAL A 112 5.51 -7.54 -16.57
C VAL A 112 4.86 -6.28 -15.95
N LEU A 113 3.53 -6.25 -15.94
CA LEU A 113 2.80 -5.09 -15.48
C LEU A 113 2.65 -5.04 -13.97
N VAL A 114 3.14 -3.98 -13.35
CA VAL A 114 3.06 -3.82 -11.92
C VAL A 114 1.98 -2.78 -11.70
N CYS A 115 0.81 -3.23 -11.20
N CYS A 115 0.76 -3.22 -11.26
CA CYS A 115 -0.35 -2.39 -10.98
CA CYS A 115 -0.30 -2.24 -11.01
C CYS A 115 -0.47 -2.04 -9.51
C CYS A 115 -0.42 -2.02 -9.53
N SER A 116 -0.27 -0.78 -9.16
CA SER A 116 -0.37 -0.35 -7.77
C SER A 116 -1.65 0.43 -7.65
N THR A 117 -2.43 0.15 -6.59
CA THR A 117 -3.67 0.87 -6.29
C THR A 117 -3.60 1.37 -4.86
N ILE A 118 -3.62 2.69 -4.67
CA ILE A 118 -3.56 3.27 -3.34
C ILE A 118 -4.91 3.87 -2.94
N VAL A 119 -5.47 3.42 -1.82
CA VAL A 119 -6.69 3.98 -1.26
C VAL A 119 -6.28 5.13 -0.31
N CYS A 120 -6.72 6.38 -0.55
CA CYS A 120 -6.36 7.53 0.31
C CYS A 120 -7.50 8.14 1.08
N SER A 121 -7.17 8.65 2.28
CA SER A 121 -8.10 9.35 3.14
C SER A 121 -7.37 10.63 3.49
N PHE A 122 -7.90 11.77 3.03
CA PHE A 122 -7.29 13.07 3.31
C PHE A 122 -5.86 13.14 2.82
N GLY A 123 -5.65 12.58 1.62
CA GLY A 123 -4.38 12.54 0.92
C GLY A 123 -3.39 11.52 1.45
N LYS A 124 -3.75 10.71 2.47
CA LYS A 124 -2.83 9.73 3.05
C LYS A 124 -3.20 8.33 2.64
N GLN A 125 -2.20 7.51 2.34
CA GLN A 125 -2.44 6.10 2.02
C GLN A 125 -2.95 5.35 3.25
N VAL A 126 -4.00 4.56 3.04
CA VAL A 126 -4.55 3.69 4.05
C VAL A 126 -4.06 2.27 3.74
N VAL A 127 -4.19 1.87 2.46
CA VAL A 127 -3.78 0.58 1.93
C VAL A 127 -3.37 0.73 0.46
N GLU A 128 -2.33 0.00 0.09
CA GLU A 128 -1.85 -0.07 -1.27
C GLU A 128 -1.92 -1.53 -1.64
N VAL A 130 -0.66 -4.09 -4.65
CA VAL A 130 0.22 -4.14 -5.83
C VAL A 130 0.11 -5.51 -6.45
N GLU A 131 -0.18 -5.60 -7.74
CA GLU A 131 -0.27 -6.87 -8.44
C GLU A 131 0.72 -6.85 -9.60
N SER A 132 1.58 -7.86 -9.72
CA SER A 132 2.55 -7.91 -10.81
C SER A 132 2.11 -8.97 -11.78
N GLU A 133 1.39 -8.58 -12.84
CA GLU A 133 0.80 -9.45 -13.84
C GLU A 133 1.62 -9.70 -15.14
N TYR A 134 1.40 -10.89 -15.69
CA TYR A 134 1.97 -11.33 -16.94
C TYR A 134 0.87 -11.28 -18.01
N SER A 135 1.29 -11.13 -19.26
CA SER A 135 0.34 -10.98 -20.36
C SER A 135 -0.23 -12.30 -20.81
N ARG A 136 -1.36 -12.24 -21.50
CA ARG A 136 -1.91 -13.37 -22.24
C ARG A 136 -2.09 -12.86 -23.66
N LEU A 137 -1.78 -13.68 -24.67
CA LEU A 137 -1.95 -13.28 -26.05
C LEU A 137 -3.39 -13.53 -26.44
N GLU A 138 -4.16 -12.44 -26.59
CA GLU A 138 -5.57 -12.55 -27.01
C GLU A 138 -5.74 -11.78 -28.32
N ASN A 139 -5.92 -12.49 -29.43
CA ASN A 139 -6.04 -11.90 -30.78
C ASN A 139 -4.78 -11.10 -31.13
N ASN A 140 -3.61 -11.69 -30.85
CA ASN A 140 -2.27 -11.16 -31.07
C ASN A 140 -1.95 -9.91 -30.24
N ARG A 141 -2.68 -9.70 -29.15
CA ARG A 141 -2.44 -8.56 -28.26
C ARG A 141 -2.02 -9.02 -26.89
N TYR A 142 -1.17 -8.24 -26.23
CA TYR A 142 -0.78 -8.54 -24.84
C TYR A 142 -1.84 -7.93 -23.95
N VAL A 143 -2.67 -8.79 -23.34
CA VAL A 143 -3.76 -8.37 -22.47
C VAL A 143 -3.46 -8.84 -21.06
N TYR A 144 -3.74 -7.99 -20.07
CA TYR A 144 -3.52 -8.25 -18.66
C TYR A 144 -4.88 -8.12 -17.97
N ARG A 145 -5.24 -9.13 -17.18
CA ARG A 145 -6.53 -9.15 -16.50
C ARG A 145 -6.36 -9.49 -15.06
N ILE A 146 -7.04 -8.75 -14.19
CA ILE A 146 -7.11 -9.03 -12.77
C ILE A 146 -8.62 -9.07 -12.58
N GLN A 147 -9.20 -10.25 -12.71
CA GLN A 147 -10.63 -10.45 -12.69
C GLN A 147 -11.25 -10.82 -11.33
N ARG A 148 -12.35 -10.13 -10.96
CA ARG A 148 -13.11 -10.34 -9.73
C ARG A 148 -12.23 -10.42 -8.50
N SER A 149 -11.24 -9.54 -8.45
CA SER A 149 -10.30 -9.42 -7.36
C SER A 149 -11.06 -8.88 -6.15
N PRO A 150 -10.88 -9.47 -4.95
CA PRO A 150 -11.63 -8.98 -3.77
C PRO A 150 -11.28 -7.56 -3.32
N MET A 151 -12.31 -6.74 -3.03
CA MET A 151 -12.09 -5.41 -2.45
C MET A 151 -11.61 -5.66 -1.00
N CYS A 152 -10.66 -4.85 -0.52
CA CYS A 152 -10.18 -4.99 0.85
C CYS A 152 -11.32 -4.67 1.83
N GLU A 153 -11.19 -5.12 3.07
CA GLU A 153 -12.20 -4.87 4.10
C GLU A 153 -12.45 -3.37 4.32
N TYR A 154 -11.40 -2.53 4.21
CA TYR A 154 -11.56 -1.06 4.38
C TYR A 154 -12.62 -0.52 3.45
N MET A 155 -12.55 -0.91 2.18
CA MET A 155 -13.50 -0.46 1.15
C MET A 155 -14.89 -0.95 1.40
N ILE A 156 -15.03 -2.17 1.86
CA ILE A 156 -16.31 -2.76 2.16
C ILE A 156 -16.98 -2.01 3.29
N ASN A 157 -16.22 -1.74 4.35
CA ASN A 157 -16.72 -0.99 5.49
C ASN A 157 -17.05 0.46 5.09
N PHE A 158 -16.22 1.08 4.24
CA PHE A 158 -16.44 2.46 3.79
C PHE A 158 -17.78 2.62 3.08
N ILE A 159 -18.05 1.73 2.09
CA ILE A 159 -19.28 1.72 1.31
C ILE A 159 -20.46 1.47 2.20
N GLN A 160 -20.34 0.51 3.12
CA GLN A 160 -21.42 0.19 4.06
C GLN A 160 -21.76 1.37 4.96
N LYS A 161 -20.74 2.11 5.39
CA LYS A 161 -20.92 3.26 6.25
C LYS A 161 -21.46 4.46 5.49
N LEU A 162 -21.11 4.62 4.21
CA LEU A 162 -21.65 5.74 3.40
C LEU A 162 -23.17 5.66 3.34
N LYS A 163 -23.73 4.45 3.10
CA LYS A 163 -25.17 4.21 3.03
C LYS A 163 -25.89 4.48 4.36
N ASN A 164 -25.17 4.55 5.47
CA ASN A 164 -25.76 4.92 6.76
C ASN A 164 -26.05 6.42 6.83
N LEU A 165 -25.44 7.25 5.96
CA LEU A 165 -25.67 8.68 6.00
C LEU A 165 -27.08 9.05 5.51
N PRO A 166 -27.82 9.82 6.35
CA PRO A 166 -29.19 10.19 5.99
C PRO A 166 -29.29 11.17 4.82
N GLU A 167 -28.20 11.91 4.55
CA GLU A 167 -28.21 12.89 3.47
C GLU A 167 -27.12 12.64 2.46
N ARG A 168 -27.44 12.92 1.20
CA ARG A 168 -26.50 12.80 0.10
C ARG A 168 -25.36 13.84 0.23
N TYR A 169 -25.64 15.02 0.83
CA TYR A 169 -24.61 16.04 1.03
C TYR A 169 -23.55 15.52 2.01
N MET A 170 -23.95 14.68 2.99
CA MET A 170 -22.99 14.11 3.92
C MET A 170 -22.15 13.08 3.18
N MET A 171 -22.77 12.27 2.28
CA MET A 171 -22.04 11.28 1.46
C MET A 171 -21.01 11.96 0.60
N ASN A 172 -21.37 13.10 -0.01
CA ASN A 172 -20.43 13.84 -0.85
C ASN A 172 -19.29 14.50 -0.06
N SER A 173 -19.55 15.04 1.15
CA SER A 173 -18.50 15.64 2.00
C SER A 173 -17.50 14.55 2.38
N VAL A 174 -18.02 13.35 2.74
CA VAL A 174 -17.20 12.20 3.08
C VAL A 174 -16.38 11.73 1.88
N LEU A 175 -16.97 11.70 0.67
CA LEU A 175 -16.23 11.27 -0.54
C LEU A 175 -15.22 12.31 -1.05
N GLU A 176 -15.40 13.56 -0.68
CA GLU A 176 -14.49 14.63 -1.09
C GLU A 176 -13.04 14.36 -0.70
N ASN A 177 -12.84 13.64 0.40
CA ASN A 177 -11.51 13.29 0.87
C ASN A 177 -11.20 11.82 0.78
N PHE A 178 -11.89 11.11 -0.10
CA PHE A 178 -11.67 9.72 -0.38
C PHE A 178 -11.22 9.69 -1.83
N THR A 179 -10.03 9.18 -2.08
CA THR A 179 -9.50 9.08 -3.45
C THR A 179 -8.79 7.78 -3.66
N ILE A 180 -8.63 7.37 -4.92
CA ILE A 180 -7.87 6.19 -5.26
C ILE A 180 -6.83 6.61 -6.31
N LEU A 181 -5.58 6.15 -6.17
CA LEU A 181 -4.58 6.42 -7.18
C LEU A 181 -4.06 5.13 -7.75
N GLN A 182 -4.19 4.96 -9.07
CA GLN A 182 -3.69 3.80 -9.78
C GLN A 182 -2.42 4.19 -10.53
N VAL A 183 -1.38 3.38 -10.41
CA VAL A 183 -0.12 3.62 -11.08
C VAL A 183 0.26 2.30 -11.69
N MET A 184 0.36 2.23 -13.03
CA MET A 184 0.76 1.05 -13.79
C MET A 184 2.21 1.27 -14.23
N ARG A 185 3.09 0.32 -13.92
CA ARG A 185 4.50 0.39 -14.26
C ARG A 185 4.97 -0.87 -14.98
N ALA A 186 6.02 -0.76 -15.82
CA ALA A 186 6.67 -1.91 -16.48
C ALA A 186 7.77 -2.34 -15.51
N ARG A 187 7.80 -3.62 -15.11
CA ARG A 187 8.79 -4.05 -14.13
C ARG A 187 10.24 -3.80 -14.56
N GLU A 188 10.61 -4.21 -15.79
CA GLU A 188 11.99 -4.09 -16.22
C GLU A 188 12.53 -2.65 -16.19
N THR A 189 11.87 -1.68 -16.84
CA THR A 189 12.36 -0.30 -16.85
C THR A 189 11.93 0.55 -15.65
N GLN A 190 10.90 0.11 -14.89
CA GLN A 190 10.24 0.84 -13.79
C GLN A 190 9.53 2.13 -14.29
N GLU A 191 9.30 2.24 -15.60
CA GLU A 191 8.66 3.41 -16.16
C GLU A 191 7.19 3.42 -15.84
N THR A 192 6.62 4.63 -15.76
CA THR A 192 5.18 4.74 -15.56
C THR A 192 4.54 4.52 -16.93
N LEU A 193 3.71 3.49 -17.06
CA LEU A 193 2.96 3.27 -18.28
C LEU A 193 1.67 4.08 -18.24
N LEU A 194 1.02 4.18 -17.07
CA LEU A 194 -0.28 4.88 -16.98
C LEU A 194 -0.54 5.24 -15.51
N CYS A 195 -1.26 6.34 -15.28
CA CYS A 195 -1.57 6.76 -13.91
C CYS A 195 -2.93 7.41 -13.91
N ILE A 196 -3.83 6.84 -13.09
CA ILE A 196 -5.19 7.34 -13.02
C ILE A 196 -5.53 7.75 -11.60
N ALA A 197 -5.91 8.99 -11.41
CA ALA A 197 -6.35 9.52 -10.11
C ALA A 197 -7.87 9.48 -10.11
N TYR A 198 -8.51 9.08 -9.02
CA TYR A 198 -9.97 9.01 -8.97
C TYR A 198 -10.50 9.84 -7.86
N VAL A 199 -11.49 10.68 -8.18
CA VAL A 199 -12.23 11.50 -7.24
C VAL A 199 -13.70 11.11 -7.37
N PHE A 200 -14.47 11.28 -6.30
CA PHE A 200 -15.83 10.76 -6.23
C PHE A 200 -16.87 11.67 -5.69
N GLU A 201 -18.09 11.42 -6.16
CA GLU A 201 -19.36 11.94 -5.74
C GLU A 201 -20.35 10.75 -5.83
N VAL A 202 -21.53 10.88 -5.21
CA VAL A 202 -22.53 9.83 -5.27
C VAL A 202 -23.51 10.12 -6.38
N ALA A 203 -23.81 9.12 -7.21
CA ALA A 203 -24.81 9.29 -8.25
C ALA A 203 -26.19 9.53 -7.64
N ALA A 204 -27.07 10.21 -8.40
CA ALA A 204 -28.46 10.43 -8.01
C ALA A 204 -29.16 9.08 -7.84
N GLN A 205 -30.13 8.99 -6.93
CA GLN A 205 -30.87 7.76 -6.66
C GLN A 205 -31.54 7.13 -7.90
N ASN A 206 -31.96 7.94 -8.89
CA ASN A 206 -32.59 7.38 -10.10
C ASN A 206 -31.60 7.03 -11.23
N SER A 207 -30.30 7.21 -10.99
CA SER A 207 -29.29 6.99 -12.02
C SER A 207 -28.29 5.92 -11.63
N GLY A 208 -27.65 5.34 -12.63
CA GLY A 208 -26.52 4.45 -12.41
C GLY A 208 -25.22 5.26 -12.41
N THR A 209 -24.09 4.57 -12.44
CA THR A 209 -22.79 5.23 -12.40
C THR A 209 -22.49 5.96 -13.70
N THR A 210 -21.86 7.13 -13.58
CA THR A 210 -21.38 7.96 -14.68
C THR A 210 -19.99 8.47 -14.24
N HIS A 211 -19.22 8.93 -15.20
CA HIS A 211 -17.89 9.47 -14.94
C HIS A 211 -17.47 10.40 -16.04
N HIS A 212 -16.46 11.23 -15.78
CA HIS A 212 -15.82 12.08 -16.77
C HIS A 212 -14.33 11.84 -16.65
N ILE A 213 -13.64 11.76 -17.79
CA ILE A 213 -12.20 11.56 -17.83
C ILE A 213 -11.54 12.86 -18.26
N TYR A 214 -10.49 13.27 -17.54
CA TYR A 214 -9.74 14.48 -17.81
C TYR A 214 -8.24 14.19 -17.97
N ARG A 215 -7.55 14.95 -18.84
CA ARG A 215 -6.10 14.84 -18.94
C ARG A 215 -5.56 15.77 -17.86
N LEU A 216 -4.58 15.31 -17.10
CA LEU A 216 -3.95 16.13 -16.08
C LEU A 216 -2.85 16.96 -16.71
N ILE A 217 -2.97 18.28 -16.61
CA ILE A 217 -1.96 19.19 -17.13
C ILE A 217 -1.46 20.10 -16.00
N LYS A 218 -0.22 20.58 -16.15
CA LYS A 218 0.36 21.49 -15.17
C LYS A 218 0.70 22.72 -15.96
N GLU A 219 -0.34 23.52 -16.26
CA GLU A 219 -0.16 24.74 -17.04
C GLU A 219 0.32 25.91 -16.16
N ARG B 2 21.76 -13.72 6.29
CA ARG B 2 20.48 -13.77 7.01
C ARG B 2 19.46 -14.74 6.41
N ALA B 3 19.52 -16.01 6.83
CA ALA B 3 18.61 -17.05 6.35
C ALA B 3 17.31 -17.17 7.13
N ILE B 4 16.26 -16.47 6.70
CA ILE B 4 14.96 -16.62 7.34
C ILE B 4 14.28 -17.65 6.47
N ALA B 5 14.25 -18.91 6.91
CA ALA B 5 13.77 -20.02 6.11
C ALA B 5 12.90 -21.02 6.84
N THR B 6 11.99 -21.65 6.11
CA THR B 6 11.14 -22.72 6.64
C THR B 6 11.50 -24.00 5.83
N HIS B 7 10.69 -25.06 5.95
CA HIS B 7 10.84 -26.28 5.17
C HIS B 7 10.59 -25.98 3.66
N LYS B 8 9.88 -24.88 3.31
CA LYS B 8 9.56 -24.63 1.92
C LYS B 8 9.80 -23.21 1.40
N PHE B 9 9.94 -22.20 2.26
CA PHE B 9 10.02 -20.80 1.82
C PHE B 9 11.14 -20.04 2.50
N ARG B 10 11.81 -19.09 1.80
CA ARG B 10 12.83 -18.30 2.47
C ARG B 10 12.98 -16.89 1.94
N LEU B 11 13.36 -15.99 2.82
CA LEU B 11 13.60 -14.61 2.49
C LEU B 11 15.10 -14.54 2.14
N LEU B 12 15.41 -14.09 0.93
CA LEU B 12 16.81 -13.99 0.49
C LEU B 12 17.33 -12.57 0.67
N GLU B 13 16.46 -11.57 0.50
CA GLU B 13 16.88 -10.19 0.65
C GLU B 13 15.69 -9.31 1.05
N PHE B 14 15.95 -8.33 1.90
CA PHE B 14 15.02 -7.32 2.33
C PHE B 14 15.87 -6.12 2.61
N THR B 15 15.83 -5.13 1.71
CA THR B 15 16.63 -3.94 1.82
C THR B 15 15.74 -2.71 1.76
N ALA B 16 15.65 -1.92 2.85
CA ALA B 16 14.94 -0.63 2.84
C ALA B 16 16.04 0.42 2.64
N PHE B 17 15.87 1.30 1.64
CA PHE B 17 16.92 2.24 1.27
C PHE B 17 16.39 3.55 0.71
N MET B 18 17.29 4.54 0.58
CA MET B 18 16.98 5.78 -0.11
C MET B 18 18.04 6.05 -1.18
N GLU B 19 17.60 6.62 -2.30
CA GLU B 19 18.44 6.88 -3.45
C GLU B 19 18.36 8.37 -3.80
N ILE B 20 19.51 8.96 -4.06
CA ILE B 20 19.59 10.37 -4.40
C ILE B 20 20.47 10.55 -5.67
N GLN B 21 20.18 11.55 -6.52
CA GLN B 21 20.98 11.79 -7.73
C GLN B 21 21.73 13.11 -7.60
N ARG B 22 23.00 13.05 -7.18
CA ARG B 22 23.82 14.25 -7.01
C ARG B 22 24.84 14.36 -8.15
N ASP B 23 24.80 15.47 -8.91
CA ASP B 23 25.68 15.75 -10.04
C ASP B 23 25.60 14.67 -11.10
N GLU B 24 24.36 14.21 -11.38
CA GLU B 24 24.04 13.15 -12.35
C GLU B 24 24.60 11.78 -11.98
N ILE B 25 24.93 11.56 -10.70
CA ILE B 25 25.46 10.28 -10.17
C ILE B 25 24.56 9.82 -9.01
N TYR B 26 24.11 8.57 -9.04
CA TYR B 26 23.26 8.00 -8.00
C TYR B 26 24.04 7.59 -6.76
N HIS B 27 23.43 7.76 -5.60
CA HIS B 27 24.02 7.41 -4.32
C HIS B 27 22.94 6.74 -3.49
N ARG B 28 23.22 5.57 -2.94
CA ARG B 28 22.23 4.84 -2.16
C ARG B 28 22.67 4.63 -0.72
N HIS B 29 21.74 4.78 0.21
CA HIS B 29 21.99 4.59 1.63
C HIS B 29 21.01 3.50 2.08
N LEU B 30 21.50 2.47 2.81
CA LEU B 30 20.66 1.38 3.29
C LEU B 30 20.24 1.61 4.76
N PHE B 31 18.93 1.76 5.01
CA PHE B 31 18.41 1.90 6.37
C PHE B 31 18.43 0.53 7.05
N VAL B 32 17.95 -0.50 6.35
CA VAL B 32 17.81 -1.88 6.86
C VAL B 32 18.24 -2.83 5.76
N GLN B 33 18.95 -3.90 6.13
CA GLN B 33 19.33 -4.92 5.18
C GLN B 33 19.38 -6.31 5.80
N LEU B 34 18.57 -7.20 5.29
CA LEU B 34 18.48 -8.58 5.72
C LEU B 34 18.90 -9.41 4.52
N GLY B 35 19.94 -10.25 4.68
CA GLY B 35 20.42 -11.11 3.62
C GLY B 35 21.61 -10.58 2.86
N SER B 39 23.28 -18.68 2.30
CA SER B 39 24.08 -19.80 2.81
C SER B 39 23.23 -20.99 3.27
N PHE B 40 23.68 -22.21 2.97
CA PHE B 40 22.98 -23.42 3.40
C PHE B 40 23.62 -24.04 4.66
N SER B 41 24.32 -23.22 5.46
CA SER B 41 24.99 -23.64 6.69
C SER B 41 24.98 -22.48 7.66
N ASP B 42 24.21 -22.60 8.72
CA ASP B 42 24.07 -21.56 9.74
C ASP B 42 24.01 -22.19 11.12
N PRO B 43 24.46 -21.49 12.16
CA PRO B 43 24.26 -22.01 13.52
C PRO B 43 22.77 -21.90 13.93
N LEU B 44 22.38 -22.53 15.04
CA LEU B 44 20.99 -22.47 15.50
C LEU B 44 20.62 -21.06 15.92
N LEU B 45 19.40 -20.66 15.61
CA LEU B 45 18.92 -19.33 15.96
C LEU B 45 18.51 -19.29 17.42
N GLU B 46 18.60 -18.13 18.05
CA GLU B 46 18.10 -17.94 19.39
C GLU B 46 16.56 -17.88 19.31
N THR B 47 15.88 -18.29 20.38
CA THR B 47 14.42 -18.25 20.40
C THR B 47 13.91 -17.12 21.28
N VAL B 48 12.68 -16.71 21.03
CA VAL B 48 11.98 -15.66 21.77
C VAL B 48 10.55 -16.12 21.95
N ASP B 49 10.04 -15.99 23.18
CA ASP B 49 8.67 -16.26 23.57
C ASP B 49 7.77 -15.20 22.89
N ILE B 50 6.89 -15.64 21.97
CA ILE B 50 5.99 -14.76 21.23
C ILE B 50 5.10 -13.92 22.15
N ARG B 51 4.79 -14.44 23.33
CA ARG B 51 3.98 -13.72 24.33
C ARG B 51 4.65 -12.41 24.75
N GLN B 52 5.98 -12.30 24.66
CA GLN B 52 6.68 -11.06 24.99
C GLN B 52 6.42 -9.93 24.01
N ILE B 53 5.92 -10.23 22.78
CA ILE B 53 5.71 -9.18 21.78
C ILE B 53 4.26 -8.97 21.34
N PHE B 54 3.30 -9.77 21.82
CA PHE B 54 1.90 -9.63 21.40
C PHE B 54 1.31 -8.23 21.45
N ASP B 55 1.56 -7.48 22.54
CA ASP B 55 1.03 -6.13 22.75
C ASP B 55 1.55 -5.05 21.75
N LYS B 56 2.57 -5.39 20.97
CA LYS B 56 3.17 -4.49 19.95
C LYS B 56 2.55 -4.66 18.54
N PHE B 57 1.62 -5.59 18.39
CA PHE B 57 0.98 -5.90 17.14
C PHE B 57 -0.53 -6.04 17.37
N PRO B 58 -1.37 -5.87 16.34
CA PRO B 58 -2.83 -6.02 16.54
C PRO B 58 -3.22 -7.36 17.16
N GLU B 59 -4.10 -7.33 18.15
CA GLU B 59 -4.52 -8.53 18.88
C GLU B 59 -5.91 -9.06 18.50
N LYS B 60 -6.57 -8.44 17.52
CA LYS B 60 -7.91 -8.86 17.11
C LYS B 60 -7.89 -10.18 16.26
N SER B 61 -8.95 -10.48 15.49
CA SER B 61 -9.00 -11.68 14.66
C SER B 61 -8.00 -11.48 13.54
N GLY B 62 -7.23 -12.52 13.25
CA GLY B 62 -6.19 -12.42 12.25
C GLY B 62 -4.92 -11.74 12.74
N GLY B 63 -4.85 -11.45 14.04
CA GLY B 63 -3.68 -10.86 14.66
C GLY B 63 -2.56 -11.87 14.82
N LEU B 64 -1.43 -11.42 15.38
CA LEU B 64 -0.25 -12.25 15.54
C LEU B 64 -0.51 -13.55 16.32
N LYS B 65 -1.30 -13.49 17.39
CA LYS B 65 -1.61 -14.69 18.19
C LYS B 65 -2.46 -15.65 17.39
N ASP B 66 -3.44 -15.14 16.67
CA ASP B 66 -4.34 -15.96 15.86
C ASP B 66 -3.56 -16.63 14.70
N LEU B 67 -2.63 -15.89 14.10
CA LEU B 67 -1.78 -16.39 13.02
C LEU B 67 -0.84 -17.47 13.53
N TYR B 68 -0.25 -17.26 14.71
CA TYR B 68 0.70 -18.23 15.24
C TYR B 68 0.01 -19.53 15.57
N GLU B 69 -1.20 -19.46 16.14
N GLU B 69 -1.19 -19.47 16.14
CA GLU B 69 -1.98 -20.64 16.50
CA GLU B 69 -1.92 -20.68 16.49
C GLU B 69 -2.30 -21.47 15.27
C GLU B 69 -2.32 -21.48 15.26
N LYS B 70 -2.66 -20.80 14.17
CA LYS B 70 -3.00 -21.46 12.91
C LYS B 70 -1.75 -22.10 12.27
N GLY B 71 -0.58 -21.49 12.47
CA GLY B 71 0.68 -22.03 12.00
C GLY B 71 0.94 -22.02 10.49
N PRO B 72 1.96 -22.77 10.01
CA PRO B 72 2.91 -23.62 10.78
C PRO B 72 3.77 -22.76 11.70
N GLN B 73 4.04 -23.26 12.90
CA GLN B 73 4.79 -22.49 13.87
C GLN B 73 6.29 -22.31 13.46
N ASN B 74 6.81 -23.13 12.54
CA ASN B 74 8.18 -22.93 12.03
C ASN B 74 8.32 -21.71 11.07
N ALA B 75 7.21 -21.00 10.81
CA ALA B 75 7.24 -19.86 9.90
C ALA B 75 7.25 -18.50 10.60
N PHE B 76 7.29 -18.45 11.94
CA PHE B 76 7.24 -17.20 12.69
C PHE B 76 8.61 -16.75 13.16
N TYR B 77 8.97 -15.50 12.83
CA TYR B 77 10.28 -14.96 13.14
C TYR B 77 10.21 -13.56 13.72
N LEU B 78 11.20 -13.20 14.55
CA LEU B 78 11.30 -11.87 15.14
C LEU B 78 12.61 -11.29 14.71
N VAL B 79 12.57 -10.14 14.07
CA VAL B 79 13.77 -9.47 13.61
C VAL B 79 14.01 -8.19 14.42
N LYS B 80 15.17 -8.09 15.07
CA LYS B 80 15.53 -6.89 15.82
C LYS B 80 16.52 -6.12 14.91
N CYS B 81 16.15 -4.91 14.47
N CYS B 81 16.16 -4.91 14.50
CA CYS B 81 16.93 -4.08 13.55
CA CYS B 81 17.00 -4.15 13.59
C CYS B 81 17.55 -2.83 14.16
C CYS B 81 17.55 -2.85 14.15
N TRP B 82 18.82 -2.57 13.85
CA TRP B 82 19.47 -1.34 14.22
C TRP B 82 19.51 -0.58 12.89
N ALA B 83 18.54 0.33 12.71
CA ALA B 83 18.41 1.12 11.50
C ALA B 83 19.52 2.16 11.35
N ASP B 84 20.11 2.28 10.15
CA ASP B 84 21.15 3.28 9.92
C ASP B 84 20.47 4.58 9.47
N LEU B 85 20.44 5.58 10.36
CA LEU B 85 19.86 6.87 10.02
C LEU B 85 20.92 7.94 9.69
N ASN B 86 22.21 7.55 9.54
CA ASN B 86 23.25 8.53 9.24
C ASN B 86 23.44 8.78 7.75
N THR B 87 22.70 9.76 7.23
CA THR B 87 22.74 10.21 5.84
C THR B 87 22.11 11.60 5.70
N ASP B 88 22.38 12.28 4.58
CA ASP B 88 21.77 13.58 4.31
C ASP B 88 20.46 13.31 3.54
N LEU B 89 19.32 13.34 4.26
CA LEU B 89 18.01 13.09 3.66
C LEU B 89 17.56 14.21 2.71
N ASP B 97 14.84 11.85 -6.00
CA ASP B 97 14.94 11.22 -4.70
C ASP B 97 13.89 10.16 -4.52
N PHE B 98 14.33 8.97 -4.14
CA PHE B 98 13.49 7.79 -4.04
C PHE B 98 13.69 7.08 -2.70
N TYR B 99 12.61 6.60 -2.09
CA TYR B 99 12.68 5.81 -0.87
C TYR B 99 11.97 4.51 -1.22
N GLY B 100 12.61 3.39 -0.94
CA GLY B 100 12.02 2.11 -1.31
C GLY B 100 12.55 0.87 -0.66
N VAL B 101 11.92 -0.24 -1.03
CA VAL B 101 12.28 -1.55 -0.54
C VAL B 101 12.49 -2.51 -1.68
N THR B 102 13.60 -3.23 -1.67
CA THR B 102 13.83 -4.30 -2.63
C THR B 102 13.89 -5.60 -1.82
N SER B 103 13.14 -6.62 -2.24
CA SER B 103 13.14 -7.90 -1.54
C SER B 103 13.13 -9.08 -2.51
N GLN B 104 13.69 -10.19 -2.07
CA GLN B 104 13.81 -11.41 -2.85
C GLN B 104 13.43 -12.60 -1.97
N TYR B 105 12.68 -13.53 -2.52
CA TYR B 105 12.20 -14.70 -1.79
C TYR B 105 12.39 -15.93 -2.65
N GLU B 106 12.47 -17.09 -2.00
CA GLU B 106 12.71 -18.35 -2.68
C GLU B 106 11.75 -19.45 -2.17
N SER B 107 11.18 -20.23 -3.08
CA SER B 107 10.27 -21.32 -2.70
C SER B 107 10.67 -22.63 -3.39
N ASN B 108 10.37 -23.76 -2.76
CA ASN B 108 10.58 -25.04 -3.42
C ASN B 108 9.25 -25.51 -4.09
N GLU B 109 8.23 -24.64 -4.21
CA GLU B 109 6.92 -24.97 -4.78
C GLU B 109 6.37 -23.69 -5.40
N ASN B 110 5.89 -23.74 -6.66
CA ASN B 110 5.49 -22.54 -7.37
C ASN B 110 4.09 -22.02 -7.01
N VAL B 111 3.97 -21.52 -5.79
CA VAL B 111 2.75 -20.87 -5.36
C VAL B 111 2.83 -19.40 -5.80
N VAL B 112 1.71 -18.70 -5.71
CA VAL B 112 1.63 -17.28 -5.96
C VAL B 112 1.85 -16.61 -4.60
N LEU B 113 2.85 -15.75 -4.48
CA LEU B 113 3.16 -15.10 -3.22
C LEU B 113 2.28 -13.88 -3.00
N VAL B 114 1.74 -13.72 -1.77
CA VAL B 114 0.97 -12.54 -1.38
C VAL B 114 1.59 -12.04 -0.07
N CYS B 115 2.29 -10.92 -0.14
CA CYS B 115 3.00 -10.36 1.01
C CYS B 115 2.26 -9.14 1.59
N SER B 116 1.76 -9.26 2.84
CA SER B 116 1.06 -8.17 3.49
C SER B 116 2.01 -7.54 4.50
N THR B 117 2.24 -6.24 4.43
CA THR B 117 3.09 -5.53 5.36
C THR B 117 2.25 -4.47 6.04
N ILE B 118 2.24 -4.45 7.36
CA ILE B 118 1.50 -3.43 8.10
C ILE B 118 2.43 -2.70 9.01
N VAL B 119 2.22 -1.40 9.11
CA VAL B 119 3.00 -0.54 9.96
C VAL B 119 2.13 -0.30 11.22
N CYS B 120 2.68 -0.50 12.39
CA CYS B 120 1.94 -0.41 13.64
C CYS B 120 2.49 0.67 14.57
N SER B 121 1.60 1.44 15.14
CA SER B 121 1.93 2.49 16.09
C SER B 121 1.18 2.12 17.35
N PHE B 122 1.92 1.73 18.39
CA PHE B 122 1.31 1.30 19.67
C PHE B 122 0.37 0.10 19.45
N GLY B 123 0.79 -0.86 18.64
CA GLY B 123 0.00 -2.06 18.37
C GLY B 123 -1.22 -1.87 17.51
N LYS B 124 -1.32 -0.72 16.81
CA LYS B 124 -2.47 -0.46 15.96
C LYS B 124 -1.96 -0.23 14.52
N GLN B 125 -2.64 -0.82 13.55
CA GLN B 125 -2.30 -0.62 12.15
C GLN B 125 -2.46 0.86 11.67
N VAL B 126 -1.42 1.45 11.06
CA VAL B 126 -1.53 2.82 10.51
C VAL B 126 -1.64 2.77 8.99
N VAL B 127 -0.87 1.90 8.36
CA VAL B 127 -0.81 1.77 6.92
C VAL B 127 -0.48 0.31 6.56
N GLU B 128 -0.97 -0.10 5.41
CA GLU B 128 -0.77 -1.45 4.93
C GLU B 128 -0.39 -1.45 3.44
N LYS B 129 0.36 -2.46 3.03
CA LYS B 129 0.76 -2.67 1.65
C LYS B 129 0.55 -4.16 1.43
N VAL B 130 -0.13 -4.55 0.35
CA VAL B 130 -0.32 -5.95 0.00
C VAL B 130 0.26 -6.13 -1.37
N GLU B 131 1.28 -6.99 -1.54
CA GLU B 131 1.90 -7.19 -2.85
C GLU B 131 1.81 -8.65 -3.31
N SER B 132 1.40 -8.91 -4.56
CA SER B 132 1.33 -10.27 -5.14
C SER B 132 2.39 -10.46 -6.20
N GLU B 133 3.07 -11.60 -6.17
CA GLU B 133 4.15 -11.87 -7.12
C GLU B 133 4.10 -13.30 -7.58
N TYR B 134 4.42 -13.52 -8.85
CA TYR B 134 4.56 -14.87 -9.39
C TYR B 134 6.05 -15.25 -9.40
N SER B 135 6.34 -16.54 -9.38
CA SER B 135 7.71 -17.04 -9.38
C SER B 135 8.26 -17.25 -10.78
N ARG B 136 9.59 -17.35 -10.82
CA ARG B 136 10.36 -17.76 -11.97
C ARG B 136 11.28 -18.90 -11.45
N LEU B 137 11.27 -20.04 -12.13
CA LEU B 137 12.16 -21.13 -11.76
C LEU B 137 13.58 -20.71 -12.19
N GLU B 138 14.52 -20.76 -11.24
CA GLU B 138 15.89 -20.35 -11.45
C GLU B 138 16.79 -21.22 -10.62
N ASN B 139 17.63 -22.01 -11.27
CA ASN B 139 18.58 -22.90 -10.59
C ASN B 139 17.88 -23.83 -9.60
N ASN B 140 16.82 -24.48 -10.07
CA ASN B 140 16.04 -25.47 -9.33
C ASN B 140 15.29 -24.94 -8.10
N ARG B 141 15.08 -23.62 -8.03
CA ARG B 141 14.31 -22.97 -6.96
C ARG B 141 13.38 -21.94 -7.60
N TYR B 142 12.22 -21.68 -7.01
CA TYR B 142 11.33 -20.65 -7.54
C TYR B 142 11.66 -19.31 -6.86
N VAL B 143 11.96 -18.27 -7.65
CA VAL B 143 12.34 -16.96 -7.13
C VAL B 143 11.24 -15.91 -7.35
N TYR B 144 11.00 -15.12 -6.29
CA TYR B 144 10.05 -14.01 -6.26
C TYR B 144 10.86 -12.77 -6.00
N ARG B 145 10.69 -11.75 -6.82
CA ARG B 145 11.41 -10.51 -6.65
C ARG B 145 10.46 -9.35 -6.58
N ILE B 146 10.72 -8.40 -5.68
CA ILE B 146 9.92 -7.19 -5.57
C ILE B 146 10.95 -6.06 -5.59
N GLN B 147 11.32 -5.60 -6.78
CA GLN B 147 12.34 -4.60 -6.91
C GLN B 147 11.78 -3.20 -6.73
N ARG B 148 12.54 -2.35 -6.06
CA ARG B 148 12.27 -0.93 -5.85
C ARG B 148 10.80 -0.56 -5.56
N SER B 149 10.18 -1.25 -4.61
CA SER B 149 8.81 -0.96 -4.21
C SER B 149 8.78 0.37 -3.42
N PRO B 150 8.10 1.41 -3.94
CA PRO B 150 8.15 2.72 -3.29
C PRO B 150 7.58 2.73 -1.88
N MET B 151 8.32 3.35 -0.98
CA MET B 151 7.91 3.46 0.42
C MET B 151 6.71 4.39 0.53
N CYS B 152 5.80 4.12 1.46
CA CYS B 152 4.66 4.98 1.69
C CYS B 152 5.12 6.31 2.29
N GLU B 153 4.33 7.35 2.09
CA GLU B 153 4.62 8.68 2.59
C GLU B 153 4.79 8.68 4.12
N TYR B 154 4.02 7.86 4.84
CA TYR B 154 4.11 7.74 6.29
C TYR B 154 5.52 7.38 6.72
N MET B 155 6.12 6.40 6.04
CA MET B 155 7.44 5.93 6.38
C MET B 155 8.51 6.94 6.07
N ILE B 156 8.36 7.65 4.95
CA ILE B 156 9.32 8.68 4.56
C ILE B 156 9.29 9.80 5.62
N ASN B 157 8.08 10.21 6.00
CA ASN B 157 7.84 11.25 6.99
C ASN B 157 8.42 10.80 8.33
N PHE B 158 8.13 9.56 8.73
CA PHE B 158 8.61 8.96 9.96
C PHE B 158 10.15 8.96 10.01
N ILE B 159 10.83 8.49 8.95
CA ILE B 159 12.28 8.48 8.90
C ILE B 159 12.92 9.89 9.00
N GLN B 160 12.40 10.85 8.22
CA GLN B 160 12.93 12.21 8.28
C GLN B 160 12.72 12.84 9.68
N LYS B 161 11.55 12.63 10.29
CA LYS B 161 11.29 13.14 11.64
C LYS B 161 12.16 12.45 12.69
N LEU B 162 12.40 11.16 12.53
CA LEU B 162 13.22 10.40 13.46
C LEU B 162 14.68 10.89 13.46
N LYS B 163 15.30 11.05 12.28
CA LYS B 163 16.69 11.50 12.21
C LYS B 163 16.90 12.95 12.62
N ASN B 164 15.83 13.76 12.66
CA ASN B 164 15.91 15.14 13.06
C ASN B 164 15.66 15.37 14.56
N LEU B 165 15.36 14.31 15.34
CA LEU B 165 15.14 14.41 16.79
C LEU B 165 16.41 14.97 17.44
N PRO B 166 16.28 15.93 18.36
CA PRO B 166 17.47 16.58 18.91
C PRO B 166 18.35 15.69 19.77
N GLU B 167 17.78 14.62 20.39
CA GLU B 167 18.55 13.72 21.24
C GLU B 167 18.46 12.26 20.77
N ARG B 168 19.61 11.59 20.63
CA ARG B 168 19.64 10.22 20.11
C ARG B 168 18.83 9.22 20.91
N TYR B 169 18.73 9.40 22.25
CA TYR B 169 17.90 8.50 23.05
C TYR B 169 16.42 8.59 22.63
N MET B 170 15.95 9.79 22.19
CA MET B 170 14.58 10.01 21.76
C MET B 170 14.23 9.15 20.56
N MET B 171 15.20 8.90 19.68
CA MET B 171 15.00 8.06 18.50
C MET B 171 14.61 6.66 18.92
N ASN B 172 15.28 6.13 19.95
CA ASN B 172 14.93 4.80 20.48
C ASN B 172 13.58 4.78 21.24
N SER B 173 13.22 5.89 21.94
CA SER B 173 11.95 6.01 22.65
C SER B 173 10.79 6.00 21.63
N VAL B 174 10.95 6.70 20.51
CA VAL B 174 9.93 6.75 19.48
C VAL B 174 9.78 5.35 18.81
N LEU B 175 10.89 4.62 18.63
CA LEU B 175 10.89 3.28 18.05
C LEU B 175 10.37 2.18 18.96
N GLU B 176 10.30 2.44 20.28
CA GLU B 176 9.81 1.52 21.30
C GLU B 176 8.45 0.90 20.95
N ASN B 177 7.51 1.68 20.44
CA ASN B 177 6.19 1.20 20.06
C ASN B 177 5.91 1.35 18.56
N PHE B 178 6.94 1.26 17.75
CA PHE B 178 6.81 1.32 16.30
C PHE B 178 7.21 -0.05 15.82
N THR B 179 6.31 -0.76 15.15
CA THR B 179 6.63 -2.09 14.62
C THR B 179 6.09 -2.31 13.20
N ILE B 180 6.66 -3.28 12.50
CA ILE B 180 6.23 -3.68 11.19
C ILE B 180 5.98 -5.18 11.23
N LEU B 181 4.82 -5.63 10.74
CA LEU B 181 4.52 -7.05 10.68
C LEU B 181 4.38 -7.45 9.19
N GLN B 182 5.09 -8.50 8.76
CA GLN B 182 4.98 -9.00 7.39
C GLN B 182 4.40 -10.41 7.45
N VAL B 183 3.37 -10.67 6.63
CA VAL B 183 2.78 -11.99 6.54
C VAL B 183 2.80 -12.41 5.04
N MET B 184 3.62 -13.42 4.71
CA MET B 184 3.74 -13.92 3.35
C MET B 184 2.79 -15.14 3.29
N ARG B 185 1.95 -15.18 2.26
CA ARG B 185 0.99 -16.26 2.11
C ARG B 185 1.02 -16.80 0.71
N ALA B 186 0.58 -18.06 0.56
CA ALA B 186 0.41 -18.68 -0.75
C ALA B 186 -1.03 -18.31 -1.12
N ARG B 187 -1.25 -17.66 -2.25
CA ARG B 187 -2.57 -17.17 -2.63
C ARG B 187 -3.71 -18.19 -2.66
N GLU B 188 -3.56 -19.28 -3.41
CA GLU B 188 -4.65 -20.24 -3.57
C GLU B 188 -5.06 -20.91 -2.25
N THR B 189 -4.10 -21.37 -1.46
CA THR B 189 -4.41 -22.10 -0.22
C THR B 189 -4.55 -21.22 1.03
N GLN B 190 -4.03 -19.99 0.98
CA GLN B 190 -3.97 -19.05 2.09
C GLN B 190 -3.00 -19.52 3.22
N GLU B 191 -2.19 -20.55 2.95
CA GLU B 191 -1.15 -21.06 3.86
C GLU B 191 -0.19 -19.92 4.24
N THR B 192 0.20 -19.83 5.51
CA THR B 192 1.18 -18.82 5.94
C THR B 192 2.53 -19.43 5.55
N LEU B 193 3.26 -18.76 4.69
CA LEU B 193 4.57 -19.20 4.25
C LEU B 193 5.66 -18.70 5.20
N LEU B 194 5.50 -17.49 5.68
CA LEU B 194 6.46 -16.83 6.56
C LEU B 194 5.76 -15.66 7.24
N CYS B 195 6.13 -15.38 8.47
CA CYS B 195 5.61 -14.23 9.19
C CYS B 195 6.75 -13.63 9.97
N ILE B 196 7.09 -12.37 9.65
CA ILE B 196 8.19 -11.69 10.29
C ILE B 196 7.73 -10.47 11.06
N ALA B 197 7.98 -10.46 12.36
CA ALA B 197 7.66 -9.32 13.20
C ALA B 197 8.95 -8.51 13.29
N TYR B 198 8.89 -7.20 13.11
CA TYR B 198 10.07 -6.32 13.15
C TYR B 198 10.03 -5.31 14.30
N VAL B 199 11.11 -5.23 15.05
CA VAL B 199 11.25 -4.21 16.10
C VAL B 199 12.59 -3.49 15.82
N PHE B 200 12.69 -2.23 16.26
CA PHE B 200 13.81 -1.39 15.88
C PHE B 200 14.45 -0.54 16.96
N GLU B 201 15.73 -0.28 16.76
CA GLU B 201 16.59 0.65 17.45
C GLU B 201 17.39 1.41 16.36
N VAL B 202 18.01 2.52 16.70
CA VAL B 202 18.83 3.28 15.73
C VAL B 202 20.28 2.86 15.93
N ALA B 203 20.98 2.57 14.83
CA ALA B 203 22.38 2.19 14.85
C ALA B 203 23.25 3.33 15.41
N ALA B 204 24.42 2.99 15.95
CA ALA B 204 25.37 3.98 16.42
C ALA B 204 25.86 4.83 15.24
N GLN B 205 26.22 6.11 15.49
CA GLN B 205 26.68 7.09 14.48
C GLN B 205 27.75 6.55 13.56
N ASN B 206 28.76 5.87 14.12
CA ASN B 206 29.86 5.38 13.29
C ASN B 206 29.59 4.02 12.65
N SER B 207 28.35 3.52 12.74
CA SER B 207 28.05 2.17 12.29
C SER B 207 26.98 2.07 11.24
N GLY B 208 27.03 0.97 10.49
CA GLY B 208 26.02 0.65 9.50
C GLY B 208 24.86 -0.09 10.14
N THR B 209 23.92 -0.57 9.32
CA THR B 209 22.77 -1.31 9.83
C THR B 209 23.18 -2.73 10.22
N THR B 210 22.68 -3.21 11.36
CA THR B 210 22.87 -4.57 11.85
C THR B 210 21.49 -5.12 12.25
N HIS B 211 21.40 -6.44 12.46
CA HIS B 211 20.15 -7.05 12.86
C HIS B 211 20.40 -8.42 13.48
N HIS B 212 19.43 -8.88 14.28
CA HIS B 212 19.45 -10.25 14.82
C HIS B 212 18.14 -10.91 14.45
N ILE B 213 18.15 -12.22 14.27
CA ILE B 213 16.97 -12.98 13.92
C ILE B 213 16.66 -14.02 15.03
N TYR B 214 15.39 -14.11 15.45
CA TYR B 214 14.96 -15.02 16.47
C TYR B 214 13.79 -15.85 15.99
N ARG B 215 13.78 -17.12 16.32
CA ARG B 215 12.65 -17.99 16.04
C ARG B 215 11.63 -17.68 17.15
N LEU B 216 10.36 -17.52 16.80
CA LEU B 216 9.33 -17.27 17.79
C LEU B 216 8.70 -18.58 18.21
N ILE B 217 8.62 -18.81 19.51
CA ILE B 217 8.03 -20.00 20.11
C ILE B 217 7.03 -19.59 21.19
N LYS B 218 6.06 -20.45 21.51
CA LYS B 218 5.11 -20.19 22.59
C LYS B 218 5.78 -20.72 23.85
N GLU B 219 6.53 -19.87 24.57
CA GLU B 219 7.20 -20.34 25.78
C GLU B 219 6.25 -20.24 26.97
N THR C 2 -8.33 -0.58 8.29
CA THR C 2 -9.20 -1.18 9.32
C THR C 2 -10.54 -0.41 9.48
N ALA C 3 -11.54 -0.99 10.22
CA ALA C 3 -12.82 -0.35 10.53
C ALA C 3 -12.62 0.97 11.28
N SER C 4 -11.68 0.98 12.24
N SER C 4 -11.68 0.99 12.25
CA SER C 4 -11.40 2.18 13.02
CA SER C 4 -11.41 2.20 13.02
C SER C 4 -10.93 3.33 12.14
C SER C 4 -10.93 3.33 12.14
N GLN C 5 -10.16 3.02 11.08
CA GLN C 5 -9.67 4.04 10.15
C GLN C 5 -10.80 4.58 9.30
N VAL C 6 -11.81 3.75 8.95
CA VAL C 6 -12.99 4.24 8.22
C VAL C 6 -13.73 5.26 9.12
N ASP C 7 -13.95 4.88 10.36
CA ASP C 7 -14.64 5.73 11.36
C ASP C 7 -13.88 7.06 11.55
N GLU C 8 -12.51 7.00 11.62
CA GLU C 8 -11.68 8.20 11.76
C GLU C 8 -11.94 9.17 10.59
N HIS C 9 -12.02 8.63 9.39
CA HIS C 9 -12.29 9.40 8.16
C HIS C 9 -13.65 10.08 8.23
N PHE C 10 -14.72 9.32 8.62
CA PHE C 10 -16.06 9.89 8.69
C PHE C 10 -16.15 10.98 9.77
N SER C 11 -15.41 10.85 10.89
CA SER C 11 -15.45 11.87 11.93
C SER C 11 -14.83 13.19 11.46
N ARG C 12 -13.68 13.12 10.79
CA ARG C 12 -13.01 14.32 10.32
C ARG C 12 -13.82 14.98 9.20
N ALA C 13 -14.30 14.19 8.24
CA ALA C 13 -15.06 14.66 7.09
C ALA C 13 -16.38 15.32 7.54
N LEU C 14 -17.06 14.72 8.53
CA LEU C 14 -18.33 15.27 9.02
C LEU C 14 -18.17 16.40 10.02
N ASN C 15 -16.94 16.71 10.49
CA ASN C 15 -16.71 17.80 11.45
C ASN C 15 -16.80 19.16 10.75
N TYR C 16 -18.03 19.61 10.47
CA TYR C 16 -18.30 20.84 9.76
C TYR C 16 -18.66 22.00 10.68
N SER C 24 -8.15 23.24 7.08
CA SER C 24 -6.98 23.77 6.35
C SER C 24 -6.90 23.21 4.92
N SER C 25 -8.06 22.96 4.30
CA SER C 25 -8.12 22.44 2.94
C SER C 25 -9.33 23.04 2.23
N SER C 26 -9.08 23.69 1.08
CA SER C 26 -10.14 24.33 0.32
C SER C 26 -11.17 23.32 -0.17
N PRO C 27 -12.46 23.62 -0.06
CA PRO C 27 -13.47 22.70 -0.62
C PRO C 27 -13.30 22.56 -2.13
N MET C 28 -13.63 21.40 -2.69
CA MET C 28 -13.50 21.15 -4.13
C MET C 28 -14.29 22.18 -4.96
N SER C 29 -15.45 22.61 -4.46
CA SER C 29 -16.28 23.62 -5.12
C SER C 29 -15.57 24.99 -5.25
N ASN C 30 -14.54 25.24 -4.43
CA ASN C 30 -13.78 26.47 -4.48
C ASN C 30 -12.48 26.35 -5.28
N ARG C 31 -12.23 25.20 -5.91
CA ARG C 31 -11.07 24.97 -6.75
C ARG C 31 -11.49 25.13 -8.21
N ASN C 32 -10.51 25.31 -9.09
CA ASN C 32 -10.78 25.57 -10.49
C ASN C 32 -10.98 24.28 -11.28
N PHE C 33 -12.25 23.86 -11.45
CA PHE C 33 -12.60 22.69 -12.27
C PHE C 33 -13.59 23.15 -13.36
N PRO C 34 -13.56 22.54 -14.55
CA PRO C 34 -14.54 22.89 -15.59
C PRO C 34 -15.98 22.53 -15.17
N PRO C 35 -17.02 23.19 -15.71
CA PRO C 35 -18.39 22.88 -15.26
C PRO C 35 -18.81 21.41 -15.42
N SER C 36 -18.21 20.63 -16.35
CA SER C 36 -18.55 19.19 -16.44
C SER C 36 -18.26 18.43 -15.14
N PHE C 37 -17.22 18.84 -14.39
CA PHE C 37 -16.85 18.21 -13.11
C PHE C 37 -18.01 18.17 -12.10
N TRP C 38 -18.94 19.11 -12.23
CA TRP C 38 -20.08 19.18 -11.34
C TRP C 38 -21.38 18.70 -11.98
N ASN C 39 -21.29 18.00 -13.11
CA ASN C 39 -22.45 17.53 -13.83
C ASN C 39 -22.33 16.06 -14.20
N SER C 40 -22.97 15.17 -13.41
CA SER C 40 -22.93 13.72 -13.63
C SER C 40 -23.36 13.27 -15.02
N ASN C 41 -24.25 14.06 -15.62
CA ASN C 41 -24.85 13.87 -16.93
C ASN C 41 -24.07 14.57 -18.05
N THR D 2 0.31 11.42 6.29
CA THR D 2 0.51 12.83 6.58
C THR D 2 1.45 13.06 7.75
N ALA D 3 1.94 14.30 7.86
CA ALA D 3 2.86 14.69 8.93
C ALA D 3 2.18 14.58 10.29
N SER D 4 0.88 14.96 10.38
CA SER D 4 0.11 14.90 11.62
C SER D 4 -0.01 13.49 12.19
N GLN D 5 -0.14 12.45 11.35
CA GLN D 5 -0.22 11.08 11.85
C GLN D 5 1.11 10.60 12.42
N VAL D 6 2.22 10.99 11.79
CA VAL D 6 3.55 10.67 12.29
C VAL D 6 3.79 11.46 13.60
N ASP D 7 3.34 12.72 13.63
CA ASP D 7 3.43 13.61 14.79
C ASP D 7 2.69 13.08 15.97
N GLU D 8 1.52 12.47 15.78
CA GLU D 8 0.75 11.92 16.90
C GLU D 8 1.54 10.77 17.56
N HIS D 9 2.20 9.91 16.75
CA HIS D 9 2.99 8.80 17.31
C HIS D 9 4.15 9.36 18.11
N PHE D 10 4.84 10.38 17.56
CA PHE D 10 6.00 10.97 18.23
C PHE D 10 5.59 11.65 19.52
N SER D 11 4.47 12.39 19.50
CA SER D 11 3.98 13.10 20.66
C SER D 11 3.62 12.12 21.78
N ARG D 12 2.94 11.02 21.45
CA ARG D 12 2.54 10.03 22.44
C ARG D 12 3.77 9.33 23.00
N ALA D 13 4.74 8.99 22.14
CA ALA D 13 5.96 8.32 22.60
C ALA D 13 6.86 9.23 23.46
N LEU D 14 7.09 10.48 23.03
CA LEU D 14 7.98 11.38 23.74
C LEU D 14 7.40 11.91 25.02
N ASN D 15 6.08 12.13 25.06
CA ASN D 15 5.37 12.61 26.26
C ASN D 15 6.07 13.82 26.93
N TYR D 16 6.44 14.86 26.15
CA TYR D 16 7.10 16.09 26.59
C TYR D 16 6.37 16.71 27.77
N ASN D 17 5.04 16.78 27.70
CA ASN D 17 4.26 17.45 28.74
C ASN D 17 3.87 16.58 29.92
N ASN D 18 4.41 15.36 30.02
CA ASN D 18 4.14 14.44 31.14
C ASN D 18 2.63 14.13 31.34
N LYS D 19 1.87 13.95 30.24
CA LYS D 19 0.44 13.63 30.32
C LYS D 19 0.18 12.27 30.99
N SER D 25 2.11 -1.81 31.19
CA SER D 25 2.90 -2.17 30.02
C SER D 25 4.40 -2.06 30.29
N SER D 26 5.08 -3.22 30.33
CA SER D 26 6.51 -3.30 30.57
C SER D 26 7.34 -2.75 29.41
N PRO D 27 8.40 -1.96 29.70
CA PRO D 27 9.29 -1.50 28.61
C PRO D 27 9.96 -2.69 27.93
N MET D 28 10.39 -2.55 26.67
CA MET D 28 11.06 -3.64 25.97
C MET D 28 12.32 -4.12 26.74
N SER D 29 13.04 -3.16 27.37
CA SER D 29 14.28 -3.39 28.15
C SER D 29 14.13 -4.37 29.29
N ASN D 30 12.92 -4.47 29.84
CA ASN D 30 12.64 -5.33 30.97
C ASN D 30 11.90 -6.62 30.56
N ARG D 31 11.90 -6.99 29.27
CA ARG D 31 11.19 -8.20 28.84
C ARG D 31 12.13 -9.39 28.64
N ASN D 32 11.56 -10.58 28.37
CA ASN D 32 12.35 -11.78 28.17
C ASN D 32 12.90 -11.91 26.76
N PHE D 33 14.10 -11.35 26.58
CA PHE D 33 14.82 -11.37 25.31
C PHE D 33 16.24 -11.83 25.59
N PRO D 34 16.88 -12.55 24.65
CA PRO D 34 18.29 -12.93 24.87
C PRO D 34 19.19 -11.70 24.89
N PRO D 35 20.34 -11.76 25.59
CA PRO D 35 21.21 -10.57 25.66
C PRO D 35 21.61 -9.96 24.31
N SER D 36 21.66 -10.77 23.23
CA SER D 36 21.98 -10.28 21.89
C SER D 36 20.96 -9.21 21.43
N PHE D 37 19.71 -9.26 21.90
CA PHE D 37 18.64 -8.31 21.55
C PHE D 37 19.02 -6.86 21.87
N TRP D 38 19.86 -6.66 22.88
CA TRP D 38 20.29 -5.33 23.27
C TRP D 38 21.68 -4.94 22.79
N ASN D 39 22.42 -5.88 22.22
CA ASN D 39 23.76 -5.61 21.74
C ASN D 39 23.81 -5.88 20.23
N SER D 40 23.99 -4.81 19.43
CA SER D 40 24.05 -4.91 17.98
C SER D 40 25.08 -5.92 17.50
N ASN D 41 26.19 -6.04 18.22
CA ASN D 41 27.25 -6.99 17.92
C ASN D 41 26.97 -8.41 18.43
#